data_7IAA
#
_entry.id   7IAA
#
_cell.length_a   42.609
_cell.length_b   42.609
_cell.length_c   216.395
_cell.angle_alpha   90.000
_cell.angle_beta   90.000
_cell.angle_gamma   90.000
#
_symmetry.space_group_name_H-M   'P 43 2 2'
#
loop_
_entity.id
_entity.type
_entity.pdbx_description
1 polymer 'Serine protease subunit NS2B'
2 polymer 'Serine protease NS3'
3 non-polymer 'DIMETHYL SULFOXIDE'
4 non-polymer (2R)-2-(6-chloro-1H-indazol-4-yl)-2-[(2,3-dihydro-1H-isoindol-5-yl)amino]-N-(oxan-4-yl)acetamide
5 water water
#
loop_
_entity_poly.entity_id
_entity_poly.type
_entity_poly.pdbx_seq_one_letter_code
_entity_poly.pdbx_strand_id
1 'polypeptide(L)' SMGKSVDMYIERAGDITWEKDAEVTGNSPRLDVALDESGDFSLVEE A
2 'polypeptide(L)'
;MKEVKKGETTDGVYRVMTRRLLGSTQVGVGVMQEGVFHTMWHVTKGAALRSGEGRLDPYWGDVKQDLVSYCGPWKLDAAW
DGLSEVQLLAVPPGERAKNIQTLPGIFKTKDGDIGAVALDYPAGTSGSPILDKCGRVIGLYGNGVVIKNGSYVSAITQGK
REEETPVE
;
B
#
loop_
_chem_comp.id
_chem_comp.type
_chem_comp.name
_chem_comp.formula
A1B8T non-polymer (2R)-2-(6-chloro-1H-indazol-4-yl)-2-[(2,3-dihydro-1H-isoindol-5-yl)amino]-N-(oxan-4-yl)acetamide 'C22 H24 Cl N5 O2'
DMS non-polymer 'DIMETHYL SULFOXIDE' 'C2 H6 O S'
#
# COMPACT_ATOMS: atom_id res chain seq x y z
N ASP A 7 7.97 7.86 18.56
CA ASP A 7 7.11 6.67 18.50
C ASP A 7 6.02 6.86 17.44
N MET A 8 5.72 5.79 16.69
CA MET A 8 4.69 5.85 15.67
C MET A 8 3.34 5.38 16.20
N TYR A 9 2.26 5.92 15.65
CA TYR A 9 0.91 5.57 16.05
C TYR A 9 -0.05 5.45 14.86
N ILE A 10 -1.19 4.76 15.04
CA ILE A 10 -2.15 4.61 13.96
C ILE A 10 -3.49 5.31 14.28
N GLU A 11 -4.15 5.79 13.24
CA GLU A 11 -5.45 6.47 13.32
C GLU A 11 -6.35 5.93 12.25
N ARG A 12 -7.59 5.57 12.58
CA ARG A 12 -8.51 5.08 11.56
C ARG A 12 -8.83 6.16 10.52
N ALA A 13 -8.89 5.78 9.24
CA ALA A 13 -9.20 6.74 8.17
C ALA A 13 -10.40 6.34 7.30
N GLY A 14 -10.99 5.16 7.50
CA GLY A 14 -12.14 4.74 6.72
C GLY A 14 -12.29 3.24 6.50
N ASP A 15 -13.41 2.83 5.92
CA ASP A 15 -13.71 1.44 5.60
C ASP A 15 -13.06 1.08 4.28
N ILE A 16 -12.82 -0.22 4.05
CA ILE A 16 -12.29 -0.65 2.77
C ILE A 16 -13.45 -1.15 1.91
N THR A 17 -13.93 -0.28 1.00
N THR A 17 -13.92 -0.29 0.99
CA THR A 17 -15.03 -0.59 0.09
CA THR A 17 -15.07 -0.58 0.14
C THR A 17 -14.81 -0.03 -1.29
C THR A 17 -14.89 0.02 -1.26
N TRP A 18 -15.37 -0.68 -2.31
CA TRP A 18 -15.31 -0.18 -3.68
C TRP A 18 -16.42 0.91 -3.82
N GLU A 19 -16.10 2.07 -4.40
CA GLU A 19 -17.08 3.14 -4.60
C GLU A 19 -17.53 3.17 -6.03
N LYS A 20 -18.83 2.89 -6.29
CA LYS A 20 -19.34 2.99 -7.67
C LYS A 20 -19.37 4.48 -8.03
N ASP A 21 -18.92 4.83 -9.22
CA ASP A 21 -18.84 6.23 -9.63
C ASP A 21 -17.75 7.00 -8.88
N ALA A 22 -16.55 6.42 -8.81
CA ALA A 22 -15.37 7.07 -8.26
C ALA A 22 -14.63 7.77 -9.44
N GLU A 23 -13.66 8.65 -9.15
CA GLU A 23 -12.90 9.32 -10.22
C GLU A 23 -12.02 8.30 -10.96
N VAL A 24 -12.23 8.12 -12.27
CA VAL A 24 -11.47 7.16 -13.10
C VAL A 24 -10.34 7.92 -13.81
N THR A 25 -9.07 7.57 -13.52
CA THR A 25 -7.89 8.24 -14.09
C THR A 25 -6.66 7.29 -14.10
N GLY A 26 -5.57 7.70 -14.75
CA GLY A 26 -4.36 6.92 -14.79
C GLY A 26 -4.25 6.02 -16.00
N ASN A 27 -3.01 5.85 -16.48
CA ASN A 27 -2.73 5.01 -17.62
C ASN A 27 -2.32 3.56 -17.19
N SER A 28 -1.98 2.67 -18.15
CA SER A 28 -1.62 1.26 -17.92
C SER A 28 -0.29 0.91 -18.65
N PRO A 29 0.87 1.46 -18.23
CA PRO A 29 2.12 1.16 -18.95
C PRO A 29 2.65 -0.25 -18.71
N ARG A 30 3.33 -0.82 -19.73
CA ARG A 30 3.99 -2.13 -19.64
C ARG A 30 5.47 -1.80 -19.49
N LEU A 31 6.04 -2.01 -18.30
CA LEU A 31 7.42 -1.61 -18.03
C LEU A 31 8.34 -2.74 -17.70
N ASP A 32 9.59 -2.73 -18.20
CA ASP A 32 10.58 -3.73 -17.82
C ASP A 32 11.29 -3.23 -16.57
N VAL A 33 11.18 -3.96 -15.44
CA VAL A 33 11.78 -3.50 -14.18
C VAL A 33 12.65 -4.57 -13.51
N ALA A 34 13.58 -4.13 -12.65
CA ALA A 34 14.43 -5.02 -11.85
C ALA A 34 14.23 -4.70 -10.37
N LEU A 35 14.24 -5.71 -9.50
CA LEU A 35 14.03 -5.54 -8.06
C LEU A 35 15.31 -5.96 -7.32
N ASP A 36 15.96 -4.99 -6.64
CA ASP A 36 17.21 -5.30 -5.95
C ASP A 36 16.94 -5.89 -4.54
N GLU A 37 18.00 -6.35 -3.86
CA GLU A 37 17.93 -6.92 -2.53
C GLU A 37 17.36 -5.94 -1.48
N SER A 38 17.47 -4.63 -1.72
CA SER A 38 16.94 -3.64 -0.78
C SER A 38 15.45 -3.35 -0.96
N GLY A 39 14.77 -4.06 -1.86
CA GLY A 39 13.36 -3.80 -2.12
C GLY A 39 13.10 -2.61 -3.03
N ASP A 40 14.13 -2.16 -3.78
CA ASP A 40 13.99 -1.02 -4.68
C ASP A 40 13.84 -1.42 -6.16
N PHE A 41 12.75 -0.98 -6.81
CA PHE A 41 12.52 -1.22 -8.23
C PHE A 41 13.32 -0.21 -9.05
N SER A 42 13.70 -0.62 -10.25
CA SER A 42 14.42 0.23 -11.19
C SER A 42 14.00 -0.10 -12.62
N LEU A 43 14.11 0.87 -13.56
CA LEU A 43 13.74 0.61 -14.96
C LEU A 43 14.89 -0.05 -15.70
N VAL A 44 14.59 -1.17 -16.36
CA VAL A 44 15.55 -1.88 -17.21
C VAL A 44 15.31 -1.41 -18.64
N GLU A 45 16.36 -0.96 -19.34
CA GLU A 45 16.20 -0.52 -20.73
C GLU A 45 17.32 -1.08 -21.62
N GLY B 7 -5.56 -1.48 21.35
CA GLY B 7 -6.57 -0.43 21.29
C GLY B 7 -7.58 -0.60 20.17
N GLU B 8 -7.41 0.14 19.07
CA GLU B 8 -8.33 0.04 17.94
C GLU B 8 -8.00 -1.13 17.00
N THR B 9 -8.82 -2.19 17.03
N THR B 9 -8.84 -2.18 17.03
CA THR B 9 -8.59 -3.35 16.15
CA THR B 9 -8.64 -3.38 16.22
C THR B 9 -9.64 -3.49 15.04
C THR B 9 -9.60 -3.47 15.03
N THR B 10 -10.52 -2.51 14.88
CA THR B 10 -11.53 -2.53 13.83
C THR B 10 -10.91 -2.66 12.43
N ASP B 11 -11.48 -3.50 11.55
CA ASP B 11 -11.04 -3.63 10.17
C ASP B 11 -11.13 -2.23 9.48
N GLY B 12 -10.29 -1.98 8.48
CA GLY B 12 -10.31 -0.69 7.79
C GLY B 12 -8.94 -0.20 7.38
N VAL B 13 -8.88 1.04 6.87
CA VAL B 13 -7.63 1.67 6.44
C VAL B 13 -7.23 2.69 7.53
N TYR B 14 -5.94 2.76 7.85
CA TYR B 14 -5.43 3.59 8.93
C TYR B 14 -4.26 4.47 8.46
N ARG B 15 -4.07 5.61 9.08
CA ARG B 15 -2.91 6.46 8.80
C ARG B 15 -1.82 6.03 9.77
N VAL B 16 -0.56 6.04 9.32
CA VAL B 16 0.59 5.74 10.17
C VAL B 16 1.25 7.10 10.39
N MET B 17 1.22 7.58 11.61
CA MET B 17 1.72 8.90 11.98
C MET B 17 2.95 8.82 12.87
N THR B 18 3.68 9.93 12.98
CA THR B 18 4.80 10.10 13.89
C THR B 18 4.79 11.50 14.49
N ARG B 19 5.35 11.63 15.69
CA ARG B 19 5.51 12.92 16.35
C ARG B 19 7.01 13.35 16.47
N ARG B 20 7.93 12.59 15.83
CA ARG B 20 9.38 12.80 15.84
C ARG B 20 9.81 14.05 15.05
N LEU B 21 9.15 14.33 13.93
CA LEU B 21 9.48 15.50 13.11
C LEU B 21 8.64 16.74 13.58
N LEU B 22 8.43 17.76 12.72
CA LEU B 22 7.64 18.93 13.10
C LEU B 22 6.17 18.53 13.19
N GLY B 23 5.47 18.98 14.24
CA GLY B 23 4.06 18.65 14.46
C GLY B 23 3.77 17.17 14.43
N SER B 24 2.72 16.80 13.69
CA SER B 24 2.36 15.40 13.48
C SER B 24 2.52 15.14 12.00
N THR B 25 3.25 14.08 11.66
CA THR B 25 3.53 13.78 10.25
C THR B 25 3.06 12.39 9.83
N GLN B 26 2.40 12.30 8.67
CA GLN B 26 1.96 11.02 8.16
C GLN B 26 3.08 10.40 7.29
N VAL B 27 3.64 9.27 7.73
CA VAL B 27 4.73 8.58 7.03
C VAL B 27 4.23 7.46 6.07
N GLY B 28 3.02 6.97 6.31
CA GLY B 28 2.42 5.96 5.46
C GLY B 28 1.01 5.64 5.89
N VAL B 29 0.48 4.53 5.39
CA VAL B 29 -0.89 4.04 5.58
C VAL B 29 -0.83 2.49 5.75
N GLY B 30 -1.87 1.93 6.35
CA GLY B 30 -1.97 0.48 6.47
C GLY B 30 -3.38 -0.05 6.48
N VAL B 31 -3.49 -1.39 6.45
CA VAL B 31 -4.77 -2.10 6.44
C VAL B 31 -4.91 -2.95 7.69
N MET B 32 -5.99 -2.76 8.46
CA MET B 32 -6.27 -3.63 9.59
C MET B 32 -7.23 -4.68 9.05
N GLN B 33 -6.90 -5.97 9.21
CA GLN B 33 -7.79 -7.04 8.76
C GLN B 33 -7.58 -8.28 9.59
N GLU B 34 -8.65 -8.88 10.12
CA GLU B 34 -8.57 -10.06 10.96
C GLU B 34 -7.60 -9.89 12.19
N GLY B 35 -7.59 -8.71 12.78
CA GLY B 35 -6.74 -8.42 13.94
C GLY B 35 -5.28 -8.18 13.64
N VAL B 36 -4.92 -8.07 12.33
CA VAL B 36 -3.56 -7.87 11.86
C VAL B 36 -3.41 -6.52 11.10
N PHE B 37 -2.35 -5.76 11.46
CA PHE B 37 -2.07 -4.50 10.78
C PHE B 37 -1.00 -4.78 9.69
N HIS B 38 -1.31 -4.45 8.45
CA HIS B 38 -0.47 -4.69 7.28
C HIS B 38 0.00 -3.36 6.73
N THR B 39 1.32 -3.20 6.49
CA THR B 39 1.80 -1.95 5.88
C THR B 39 3.06 -2.22 5.04
N MET B 40 3.69 -1.16 4.52
CA MET B 40 4.93 -1.29 3.78
C MET B 40 6.12 -1.19 4.76
N TRP B 41 7.17 -2.02 4.58
CA TRP B 41 8.33 -2.02 5.47
CA TRP B 41 8.33 -2.04 5.46
C TRP B 41 8.99 -0.66 5.55
N HIS B 42 9.18 0.02 4.40
CA HIS B 42 9.83 1.33 4.38
C HIS B 42 9.09 2.40 5.20
N VAL B 43 7.79 2.20 5.49
CA VAL B 43 6.99 3.13 6.30
C VAL B 43 7.42 3.10 7.79
N THR B 44 7.45 1.90 8.40
CA THR B 44 7.77 1.76 9.82
C THR B 44 9.19 1.31 10.13
N LYS B 45 9.89 0.74 9.15
CA LYS B 45 11.22 0.12 9.30
C LYS B 45 11.21 -1.03 10.33
N GLY B 46 10.05 -1.64 10.55
CA GLY B 46 9.88 -2.72 11.51
C GLY B 46 9.61 -2.27 12.93
N ALA B 47 9.61 -0.95 13.19
CA ALA B 47 9.38 -0.43 14.54
C ALA B 47 7.98 -0.74 15.07
N ALA B 48 7.83 -0.77 16.40
CA ALA B 48 6.53 -0.99 17.06
C ALA B 48 5.59 0.18 16.80
N LEU B 49 4.29 -0.07 16.89
CA LEU B 49 3.27 0.95 16.65
C LEU B 49 2.35 1.08 17.87
N ARG B 50 1.71 2.22 18.02
CA ARG B 50 0.80 2.49 19.12
C ARG B 50 -0.61 2.73 18.57
N SER B 51 -1.65 2.27 19.27
CA SER B 51 -3.05 2.47 18.88
C SER B 51 -3.80 2.88 20.15
N GLY B 52 -3.83 4.18 20.46
CA GLY B 52 -4.40 4.67 21.69
C GLY B 52 -3.44 4.30 22.80
N GLU B 53 -3.88 3.48 23.75
CA GLU B 53 -2.98 2.95 24.77
C GLU B 53 -2.33 1.60 24.36
N GLY B 54 -2.94 0.91 23.38
CA GLY B 54 -2.49 -0.38 22.89
C GLY B 54 -1.18 -0.33 22.12
N ARG B 55 -0.44 -1.45 22.14
CA ARG B 55 0.82 -1.52 21.42
C ARG B 55 0.79 -2.66 20.40
N LEU B 56 1.13 -2.35 19.15
CA LEU B 56 1.23 -3.34 18.07
C LEU B 56 2.71 -3.68 17.83
N ASP B 57 3.08 -4.96 17.95
CA ASP B 57 4.47 -5.37 17.71
C ASP B 57 4.61 -6.06 16.34
N PRO B 58 5.75 -5.89 15.67
CA PRO B 58 5.93 -6.54 14.35
C PRO B 58 5.93 -8.07 14.51
N TYR B 59 5.37 -8.77 13.54
CA TYR B 59 5.23 -10.21 13.59
C TYR B 59 6.00 -10.85 12.44
N TRP B 60 5.90 -10.29 11.26
CA TRP B 60 6.56 -10.81 10.06
C TRP B 60 6.94 -9.59 9.22
N GLY B 61 8.03 -9.69 8.48
CA GLY B 61 8.46 -8.61 7.61
C GLY B 61 9.57 -9.05 6.67
N ASP B 62 9.73 -8.34 5.54
CA ASP B 62 10.75 -8.66 4.55
C ASP B 62 11.10 -7.39 3.76
N VAL B 63 12.35 -6.93 3.81
CA VAL B 63 12.78 -5.71 3.13
C VAL B 63 12.62 -5.84 1.59
N LYS B 64 12.96 -7.00 1.00
CA LYS B 64 12.82 -7.16 -0.46
C LYS B 64 11.37 -7.08 -0.92
N GLN B 65 10.43 -7.76 -0.22
CA GLN B 65 9.00 -7.62 -0.60
C GLN B 65 8.44 -6.23 -0.19
N ASP B 66 9.14 -5.51 0.70
CA ASP B 66 8.78 -4.21 1.26
C ASP B 66 7.46 -4.29 2.00
N LEU B 67 7.28 -5.35 2.80
CA LEU B 67 6.03 -5.53 3.54
C LEU B 67 6.27 -5.86 4.99
N VAL B 68 5.27 -5.57 5.86
CA VAL B 68 5.38 -5.92 7.30
C VAL B 68 3.96 -6.11 7.89
N SER B 69 3.79 -7.10 8.79
CA SER B 69 2.53 -7.36 9.48
C SER B 69 2.73 -7.25 10.99
N TYR B 70 1.67 -6.83 11.70
CA TYR B 70 1.70 -6.60 13.14
C TYR B 70 0.61 -7.43 13.81
N CYS B 71 0.89 -8.07 14.96
CA CYS B 71 -0.06 -8.89 15.75
C CYS B 71 -0.30 -10.30 15.19
N GLY B 72 0.03 -10.52 13.93
CA GLY B 72 -0.12 -11.85 13.35
C GLY B 72 0.45 -11.94 11.97
N PRO B 73 0.36 -13.14 11.38
CA PRO B 73 0.84 -13.32 10.00
C PRO B 73 0.07 -12.52 8.95
N TRP B 74 0.65 -12.33 7.74
CA TRP B 74 0.03 -11.61 6.63
C TRP B 74 -1.30 -12.30 6.28
N LYS B 75 -2.43 -11.53 6.28
CA LYS B 75 -3.79 -12.04 6.06
C LYS B 75 -4.38 -11.78 4.66
N LEU B 76 -3.79 -10.83 3.91
CA LEU B 76 -4.33 -10.44 2.60
C LEU B 76 -3.81 -11.33 1.47
N ASP B 77 -4.71 -11.99 0.74
CA ASP B 77 -4.29 -12.94 -0.30
C ASP B 77 -4.97 -12.76 -1.69
N ALA B 78 -5.99 -11.89 -1.80
CA ALA B 78 -6.66 -11.64 -3.08
C ALA B 78 -5.65 -11.13 -4.14
N ALA B 79 -5.88 -11.47 -5.41
CA ALA B 79 -4.96 -11.09 -6.48
C ALA B 79 -5.66 -10.39 -7.62
N TRP B 80 -4.94 -9.47 -8.31
CA TRP B 80 -5.47 -8.76 -9.49
C TRP B 80 -5.68 -9.82 -10.58
N ASP B 81 -6.86 -9.83 -11.24
CA ASP B 81 -7.16 -10.87 -12.24
C ASP B 81 -6.43 -10.71 -13.58
N GLY B 82 -5.74 -9.59 -13.76
CA GLY B 82 -5.02 -9.29 -14.99
C GLY B 82 -5.85 -8.57 -16.04
N LEU B 83 -7.17 -8.40 -15.81
CA LEU B 83 -8.03 -7.77 -16.80
C LEU B 83 -8.83 -6.57 -16.30
N SER B 84 -9.36 -6.67 -15.09
CA SER B 84 -10.29 -5.68 -14.56
C SER B 84 -9.67 -4.43 -13.97
N GLU B 85 -10.47 -3.35 -13.95
CA GLU B 85 -10.09 -2.10 -13.31
C GLU B 85 -10.13 -2.32 -11.78
N VAL B 86 -9.33 -1.54 -11.06
CA VAL B 86 -9.18 -1.63 -9.62
C VAL B 86 -9.34 -0.21 -9.05
N GLN B 87 -9.42 -0.10 -7.72
CA GLN B 87 -9.46 1.20 -7.09
C GLN B 87 -8.33 1.31 -6.08
N LEU B 88 -7.61 2.43 -6.12
CA LEU B 88 -6.63 2.75 -5.10
C LEU B 88 -7.43 3.56 -4.05
N LEU B 89 -7.48 3.07 -2.80
CA LEU B 89 -8.14 3.79 -1.74
C LEU B 89 -7.03 4.65 -1.16
N ALA B 90 -6.86 5.85 -1.75
CA ALA B 90 -5.78 6.75 -1.38
C ALA B 90 -6.06 7.50 -0.11
N VAL B 91 -5.12 7.46 0.85
CA VAL B 91 -5.27 8.19 2.11
C VAL B 91 -4.13 9.20 2.19
N PRO B 92 -4.28 10.38 1.53
CA PRO B 92 -3.19 11.36 1.52
C PRO B 92 -3.00 12.11 2.83
N PRO B 93 -1.78 12.58 3.09
CA PRO B 93 -1.53 13.31 4.34
C PRO B 93 -2.44 14.53 4.52
N GLY B 94 -3.11 14.59 5.68
CA GLY B 94 -4.02 15.68 6.05
C GLY B 94 -5.28 15.79 5.21
N GLU B 95 -5.54 14.81 4.35
CA GLU B 95 -6.69 14.81 3.45
C GLU B 95 -7.52 13.54 3.63
N ARG B 96 -8.79 13.60 3.30
CA ARG B 96 -9.74 12.50 3.43
C ARG B 96 -9.42 11.32 2.52
N ALA B 97 -9.80 10.10 2.92
CA ALA B 97 -9.69 8.88 2.12
C ALA B 97 -10.48 9.08 0.81
N LYS B 98 -9.93 8.68 -0.34
CA LYS B 98 -10.60 8.90 -1.63
C LYS B 98 -10.35 7.72 -2.55
N ASN B 99 -11.41 7.14 -3.18
CA ASN B 99 -11.25 6.03 -4.11
C ASN B 99 -10.92 6.55 -5.49
N ILE B 100 -9.90 5.99 -6.13
CA ILE B 100 -9.49 6.38 -7.47
C ILE B 100 -9.44 5.14 -8.31
N GLN B 101 -10.29 5.06 -9.32
CA GLN B 101 -10.36 3.91 -10.19
C GLN B 101 -9.41 4.02 -11.37
N THR B 102 -8.70 2.92 -11.68
CA THR B 102 -7.74 2.91 -12.77
C THR B 102 -7.57 1.50 -13.31
N LEU B 103 -7.04 1.34 -14.55
CA LEU B 103 -6.74 0.01 -15.06
C LEU B 103 -5.24 -0.15 -14.90
N PRO B 104 -4.81 -1.18 -14.17
CA PRO B 104 -3.38 -1.38 -13.99
C PRO B 104 -2.60 -1.78 -15.24
N GLY B 105 -1.34 -1.36 -15.24
CA GLY B 105 -0.35 -1.74 -16.21
C GLY B 105 0.39 -2.95 -15.67
N ILE B 106 1.59 -3.23 -16.20
CA ILE B 106 2.38 -4.39 -15.83
C ILE B 106 3.82 -4.02 -15.56
N PHE B 107 4.43 -4.66 -14.58
CA PHE B 107 5.85 -4.59 -14.31
C PHE B 107 6.37 -5.97 -14.77
N LYS B 108 7.14 -6.01 -15.86
CA LYS B 108 7.72 -7.28 -16.31
C LYS B 108 9.06 -7.42 -15.60
N THR B 109 9.25 -8.52 -14.85
CA THR B 109 10.51 -8.79 -14.16
C THR B 109 11.02 -10.17 -14.59
N LYS B 110 12.31 -10.47 -14.32
CA LYS B 110 12.90 -11.78 -14.60
C LYS B 110 12.19 -12.91 -13.78
N ASP B 111 11.46 -12.54 -12.71
CA ASP B 111 10.72 -13.49 -11.88
C ASP B 111 9.21 -13.54 -12.17
N GLY B 112 8.74 -12.85 -13.22
CA GLY B 112 7.33 -12.83 -13.56
C GLY B 112 6.68 -11.47 -13.51
N ASP B 113 5.46 -11.36 -14.07
CA ASP B 113 4.70 -10.11 -14.13
C ASP B 113 3.94 -9.78 -12.84
N ILE B 114 3.91 -8.49 -12.51
CA ILE B 114 3.19 -7.93 -11.36
C ILE B 114 2.33 -6.80 -11.91
N GLY B 115 1.17 -6.59 -11.31
CA GLY B 115 0.33 -5.44 -11.67
C GLY B 115 1.00 -4.14 -11.26
N ALA B 116 0.62 -3.04 -11.89
CA ALA B 116 1.19 -1.73 -11.58
C ALA B 116 0.15 -0.64 -11.69
N VAL B 117 0.04 0.24 -10.68
CA VAL B 117 -0.92 1.34 -10.72
CA VAL B 117 -0.91 1.34 -10.65
C VAL B 117 -0.20 2.66 -10.99
N ALA B 118 -0.57 3.32 -12.10
CA ALA B 118 0.09 4.55 -12.50
C ALA B 118 -0.59 5.81 -11.97
N LEU B 119 -0.44 6.08 -10.65
CA LEU B 119 -1.05 7.24 -10.00
C LEU B 119 -0.01 7.94 -9.11
N ASP B 120 -0.07 9.26 -9.04
CA ASP B 120 0.88 10.07 -8.28
C ASP B 120 0.31 10.63 -7.01
N TYR B 121 0.91 10.26 -5.89
CA TYR B 121 0.52 10.70 -4.57
C TYR B 121 1.77 10.95 -3.74
N PRO B 122 1.71 11.86 -2.75
CA PRO B 122 2.87 12.08 -1.88
C PRO B 122 3.34 10.78 -1.19
N ALA B 123 4.63 10.70 -0.83
CA ALA B 123 5.26 9.55 -0.19
C ALA B 123 4.52 9.05 1.09
N GLY B 124 3.88 9.96 1.81
CA GLY B 124 3.08 9.63 3.00
C GLY B 124 1.81 8.85 2.70
N THR B 125 1.47 8.67 1.41
CA THR B 125 0.34 7.87 0.94
C THR B 125 0.73 6.35 0.85
N SER B 126 2.06 6.00 0.96
CA SER B 126 2.58 4.61 0.89
C SER B 126 1.84 3.70 1.82
N GLY B 127 1.34 2.57 1.33
CA GLY B 127 0.62 1.61 2.15
C GLY B 127 -0.88 1.61 1.94
N SER B 128 -1.40 2.58 1.14
CA SER B 128 -2.83 2.67 0.80
C SER B 128 -3.25 1.40 0.06
N PRO B 129 -4.37 0.77 0.42
CA PRO B 129 -4.77 -0.48 -0.26
C PRO B 129 -5.33 -0.32 -1.66
N ILE B 130 -5.06 -1.33 -2.48
CA ILE B 130 -5.59 -1.44 -3.82
C ILE B 130 -6.68 -2.53 -3.74
N LEU B 131 -7.89 -2.23 -4.25
CA LEU B 131 -9.03 -3.14 -4.12
C LEU B 131 -9.61 -3.65 -5.41
N ASP B 132 -10.19 -4.86 -5.37
CA ASP B 132 -10.92 -5.42 -6.50
C ASP B 132 -12.42 -5.03 -6.39
N LYS B 133 -13.26 -5.37 -7.39
CA LYS B 133 -14.68 -5.00 -7.41
C LYS B 133 -15.48 -5.51 -6.20
N CYS B 134 -14.96 -6.53 -5.48
CA CYS B 134 -15.63 -7.02 -4.26
C CYS B 134 -15.11 -6.39 -2.99
N GLY B 135 -14.25 -5.38 -3.09
CA GLY B 135 -13.69 -4.73 -1.91
C GLY B 135 -12.57 -5.50 -1.23
N ARG B 136 -12.02 -6.53 -1.91
CA ARG B 136 -10.92 -7.31 -1.33
C ARG B 136 -9.59 -6.65 -1.65
N VAL B 137 -8.65 -6.62 -0.68
CA VAL B 137 -7.35 -6.01 -0.90
C VAL B 137 -6.47 -6.93 -1.69
N ILE B 138 -6.14 -6.53 -2.93
CA ILE B 138 -5.27 -7.27 -3.85
C ILE B 138 -3.77 -6.81 -3.76
N GLY B 139 -3.49 -5.82 -2.91
CA GLY B 139 -2.12 -5.36 -2.72
C GLY B 139 -2.01 -3.97 -2.14
N LEU B 140 -0.80 -3.51 -1.86
CA LEU B 140 -0.56 -2.17 -1.32
C LEU B 140 0.21 -1.34 -2.33
N TYR B 141 -0.11 -0.04 -2.38
CA TYR B 141 0.48 0.98 -3.26
C TYR B 141 1.58 1.68 -2.46
N GLY B 142 2.72 1.99 -3.08
CA GLY B 142 3.78 2.69 -2.37
C GLY B 142 5.19 2.22 -2.57
N ASN B 143 5.41 1.26 -3.49
CA ASN B 143 6.75 0.83 -3.84
C ASN B 143 6.77 0.68 -5.36
N GLY B 144 7.58 1.48 -6.00
CA GLY B 144 7.65 1.45 -7.44
C GLY B 144 8.79 2.21 -8.06
N VAL B 145 8.48 2.85 -9.19
CA VAL B 145 9.47 3.51 -10.00
C VAL B 145 9.01 4.88 -10.51
N VAL B 146 9.98 5.71 -10.90
CA VAL B 146 9.71 7.01 -11.47
C VAL B 146 10.07 6.89 -12.94
N ILE B 147 9.12 7.20 -13.84
CA ILE B 147 9.35 7.06 -15.27
C ILE B 147 9.84 8.38 -15.91
N LYS B 148 10.20 8.35 -17.21
CA LYS B 148 10.74 9.42 -18.05
C LYS B 148 10.20 10.83 -17.80
N ASN B 149 8.87 11.01 -17.72
CA ASN B 149 8.29 12.33 -17.50
C ASN B 149 8.26 12.78 -16.02
N GLY B 150 8.92 12.04 -15.14
CA GLY B 150 8.96 12.34 -13.71
C GLY B 150 7.77 11.84 -12.93
N SER B 151 6.89 11.04 -13.56
CA SER B 151 5.70 10.49 -12.91
CA SER B 151 5.71 10.51 -12.87
C SER B 151 5.99 9.18 -12.19
N TYR B 152 5.17 8.82 -11.21
CA TYR B 152 5.31 7.62 -10.40
C TYR B 152 4.39 6.45 -10.77
N VAL B 153 4.95 5.23 -10.79
CA VAL B 153 4.22 4.00 -11.09
C VAL B 153 4.52 3.03 -9.98
N SER B 154 3.51 2.64 -9.24
CA SER B 154 3.67 1.74 -8.11
C SER B 154 3.37 0.30 -8.51
N ALA B 155 4.04 -0.64 -7.88
CA ALA B 155 3.72 -2.06 -8.06
C ALA B 155 2.45 -2.35 -7.27
N ILE B 156 1.73 -3.43 -7.62
CA ILE B 156 0.60 -3.85 -6.78
C ILE B 156 1.28 -4.91 -5.88
N THR B 157 1.83 -4.47 -4.74
CA THR B 157 2.57 -5.36 -3.84
C THR B 157 1.68 -6.18 -2.93
N GLN B 158 1.68 -7.50 -3.11
CA GLN B 158 0.89 -8.38 -2.27
C GLN B 158 1.77 -9.43 -1.54
N GLY B 159 1.44 -9.72 -0.28
CA GLY B 159 2.14 -10.75 0.48
C GLY B 159 1.55 -12.13 0.26
N LYS B 160 2.11 -13.13 0.93
CA LYS B 160 1.66 -14.52 0.85
C LYS B 160 1.00 -14.90 2.17
N ARG B 161 -0.24 -15.41 2.12
CA ARG B 161 -0.94 -15.83 3.33
C ARG B 161 -0.49 -17.26 3.67
N GLU B 162 -0.26 -17.56 4.95
CA GLU B 162 0.18 -18.89 5.36
C GLU B 162 -1.00 -19.86 5.48
S DMS C . 13.86 -0.73 14.39
O DMS C . 13.01 -1.87 13.87
C1 DMS C . 12.96 0.12 15.71
C2 DMS C . 13.75 0.68 13.24
N1 A1B8T D . 10.82 4.89 -3.72
N3 A1B8T D . 12.70 0.37 -0.51
C4 A1B8T D . 13.54 3.67 -6.08
C5 A1B8T D . 11.98 4.92 -7.36
C6 A1B8T D . 11.01 5.12 -6.22
C7 A1B8T D . 8.87 5.64 -2.51
C8 A1B8T D . 9.79 3.95 -0.95
C10 A1B8T D . 11.89 3.87 0.23
C13 A1B8T D . 9.87 2.58 -1.22
C15 A1B8T D . 12.99 1.50 0.39
C17 A1B8T D . 6.34 6.15 -2.54
C20 A1B8T D . 6.69 8.26 -4.28
C21 A1B8T D . 8.89 8.08 -4.56
C22 A1B8T D . 7.81 7.52 -3.84
O1 A1B8T D . 8.79 4.14 -4.42
C1 A1B8T D . 9.48 4.86 -3.69
C2 A1B8T D . 11.69 4.85 -4.89
C3 A1B8T D . 12.59 3.63 -4.90
O2 A1B8T D . 13.34 4.81 -6.90
N2 A1B8T D . 8.70 4.70 -1.43
C9 A1B8T D . 10.83 4.60 -0.28
C11 A1B8T D . 11.96 2.51 -0.04
C12 A1B8T D . 10.97 1.87 -0.76
C14 A1B8T D . 11.28 0.40 -0.86
C16 A1B8T D . 7.64 6.44 -2.95
C18 A1B8T D . 5.25 6.92 -2.97
CL1 A1B8T D . 3.62 6.54 -2.46
C19 A1B8T D . 5.40 7.98 -3.85
N4 A1B8T D . 7.13 9.16 -5.19
N5 A1B8T D . 8.48 9.05 -5.37
#